data_3DMS
#
_entry.id   3DMS
#
_cell.length_a   103.993
_cell.length_b   62.238
_cell.length_c   70.998
_cell.angle_alpha   90.000
_cell.angle_beta   118.520
_cell.angle_gamma   90.000
#
_symmetry.space_group_name_H-M   'C 1 2 1'
#
loop_
_entity.id
_entity.type
_entity.pdbx_description
1 polymer 'Isocitrate dehydrogenase [NADP]'
2 water water
#
_entity_poly.entity_id   1
_entity_poly.type   'polypeptide(L)'
_entity_poly.pdbx_seq_one_letter_code
;MAHHHHHHMPYQHIKVPEGGDKITVNKDFSLNVSDQPIIPYIEGDGTGFDITPVMIKVVDAAVEKAYGGKKKIHWMEIYA
GEKATKVYGPDVWLPEETLQVLKEYVVSIKGPLTTPVGGGIRSLNVALRQELDLYVCLRPIQYFKGVPSPVREPEKTNMV
IFRENSEDIYAGIEWAAESEQAKKVIKFLQEEMGVKKIRFPQTSGIGIKPVSKEGTERLVRKAIQYAIDNDRKSVTLVHK
GNIMKFTEGAFRDAGYALAQKEFGAELIDGGPWMKFKNPKTGNEIVVKDSIADAFLQQILLRPAEYDVIATLNLNGDYIS
DALAAQVGGIGIAPGANLSDSVAMFEATHGTAPKYAGKDYVNPGSEILSAEMMLRHLGWTEAADVIISAMEKSIKQKRVT
YDFARLMEGATQVSCSGFGQVLIENME
;
_entity_poly.pdbx_strand_id   A
#
# COMPACT_ATOMS: atom_id res chain seq x y z
N TYR A 11 -28.90 5.52 0.81
CA TYR A 11 -28.26 4.22 0.46
C TYR A 11 -29.07 3.04 1.01
N GLN A 12 -28.77 1.84 0.50
CA GLN A 12 -29.44 0.62 0.95
C GLN A 12 -29.11 0.28 2.40
N HIS A 13 -27.81 0.26 2.74
CA HIS A 13 -27.39 -0.21 4.05
C HIS A 13 -26.29 0.64 4.71
N ILE A 14 -26.07 1.84 4.17
CA ILE A 14 -25.07 2.77 4.72
C ILE A 14 -25.76 3.91 5.46
N LYS A 15 -25.29 4.19 6.68
CA LYS A 15 -25.82 5.29 7.49
C LYS A 15 -24.83 6.45 7.51
N VAL A 16 -25.20 7.55 6.86
CA VAL A 16 -24.36 8.75 6.78
C VAL A 16 -24.45 9.52 8.10
N PRO A 17 -23.31 9.70 8.80
CA PRO A 17 -23.29 10.47 10.05
C PRO A 17 -23.70 11.92 9.78
N GLU A 18 -24.81 12.35 10.38
CA GLU A 18 -25.36 13.70 10.13
C GLU A 18 -24.57 14.82 10.82
N GLY A 19 -23.80 14.47 11.85
CA GLY A 19 -22.94 15.42 12.55
C GLY A 19 -21.57 15.58 11.91
N GLY A 20 -21.32 14.83 10.83
CA GLY A 20 -20.06 14.91 10.11
C GLY A 20 -20.15 15.70 8.82
N ASP A 21 -18.99 16.04 8.27
CA ASP A 21 -18.89 16.77 7.00
C ASP A 21 -18.14 15.91 5.98
N LYS A 22 -18.71 15.79 4.79
CA LYS A 22 -18.07 15.11 3.66
C LYS A 22 -16.81 15.86 3.24
N ILE A 23 -15.68 15.15 3.17
CA ILE A 23 -14.45 15.72 2.62
C ILE A 23 -14.66 16.05 1.13
N THR A 24 -14.16 17.22 0.70
CA THR A 24 -14.23 17.60 -0.70
C THR A 24 -12.84 17.86 -1.29
N VAL A 25 -12.73 17.66 -2.59
CA VAL A 25 -11.48 17.79 -3.32
C VAL A 25 -11.47 19.11 -4.09
N ASN A 26 -10.49 19.96 -3.81
CA ASN A 26 -10.31 21.21 -4.56
C ASN A 26 -9.83 20.94 -5.98
N LYS A 27 -9.90 21.95 -6.84
CA LYS A 27 -9.50 21.79 -8.24
C LYS A 27 -8.03 21.37 -8.40
N ASP A 28 -7.17 21.75 -7.45
CA ASP A 28 -5.76 21.37 -7.46
C ASP A 28 -5.49 20.06 -6.72
N PHE A 29 -6.56 19.35 -6.37
CA PHE A 29 -6.51 18.05 -5.67
C PHE A 29 -6.24 18.12 -4.17
N SER A 30 -5.98 19.32 -3.66
CA SER A 30 -5.89 19.50 -2.21
C SER A 30 -7.27 19.21 -1.59
N LEU A 31 -7.29 18.85 -0.31
CA LEU A 31 -8.54 18.46 0.35
C LEU A 31 -9.10 19.54 1.26
N ASN A 32 -10.43 19.64 1.29
CA ASN A 32 -11.13 20.42 2.29
C ASN A 32 -11.64 19.49 3.39
N VAL A 33 -10.94 19.47 4.51
CA VAL A 33 -11.26 18.61 5.64
C VAL A 33 -11.69 19.48 6.81
N SER A 34 -12.91 19.29 7.30
CA SER A 34 -13.40 20.05 8.46
C SER A 34 -12.84 19.47 9.76
N ASP A 35 -13.32 20.01 10.89
CA ASP A 35 -12.98 19.48 12.20
C ASP A 35 -13.76 18.24 12.54
N GLN A 36 -14.75 17.92 11.70
CA GLN A 36 -15.66 16.80 11.94
C GLN A 36 -15.84 16.00 10.64
N PRO A 37 -14.74 15.47 10.07
CA PRO A 37 -14.87 14.78 8.79
C PRO A 37 -15.48 13.39 8.92
N ILE A 38 -16.23 12.99 7.88
CA ILE A 38 -16.74 11.63 7.76
C ILE A 38 -15.65 10.76 7.11
N ILE A 39 -15.38 9.61 7.73
CA ILE A 39 -14.39 8.66 7.19
C ILE A 39 -15.04 7.29 7.09
N PRO A 40 -15.28 6.81 5.85
CA PRO A 40 -15.78 5.46 5.63
C PRO A 40 -14.76 4.42 6.03
N TYR A 41 -15.22 3.31 6.58
CA TYR A 41 -14.32 2.20 6.88
C TYR A 41 -14.96 0.86 6.54
N ILE A 42 -14.12 -0.09 6.14
CA ILE A 42 -14.53 -1.46 5.87
C ILE A 42 -13.89 -2.34 6.93
N GLU A 43 -14.71 -3.09 7.65
CA GLU A 43 -14.24 -3.92 8.77
C GLU A 43 -13.12 -4.88 8.35
N GLY A 44 -13.31 -5.55 7.20
CA GLY A 44 -12.38 -6.56 6.72
C GLY A 44 -12.81 -7.96 7.10
N ASP A 45 -12.40 -8.95 6.31
CA ASP A 45 -12.70 -10.36 6.60
C ASP A 45 -11.85 -10.84 7.77
N GLY A 46 -12.24 -11.97 8.36
CA GLY A 46 -11.42 -12.63 9.39
C GLY A 46 -11.03 -11.74 10.55
N THR A 47 -9.72 -11.53 10.70
CA THR A 47 -9.15 -10.74 11.78
C THR A 47 -9.49 -9.24 11.73
N GLY A 48 -10.12 -8.81 10.64
CA GLY A 48 -10.69 -7.46 10.55
C GLY A 48 -11.69 -7.19 11.68
N PHE A 49 -12.36 -8.26 12.12
CA PHE A 49 -13.28 -8.18 13.25
C PHE A 49 -12.57 -7.75 14.53
N ASP A 50 -11.37 -8.29 14.75
CA ASP A 50 -10.57 -8.01 15.93
C ASP A 50 -9.90 -6.65 15.86
N ILE A 51 -9.37 -6.33 14.68
CA ILE A 51 -8.49 -5.16 14.50
C ILE A 51 -9.23 -3.82 14.41
N THR A 52 -10.29 -3.79 13.60
CA THR A 52 -11.07 -2.58 13.34
C THR A 52 -11.48 -1.75 14.56
N PRO A 53 -12.15 -2.38 15.57
CA PRO A 53 -12.53 -1.59 16.75
C PRO A 53 -11.33 -1.01 17.50
N VAL A 54 -10.22 -1.74 17.49
CA VAL A 54 -9.01 -1.33 18.21
C VAL A 54 -8.39 -0.14 17.48
N MET A 55 -8.33 -0.23 16.14
CA MET A 55 -7.84 0.88 15.32
C MET A 55 -8.65 2.16 15.58
N ILE A 56 -9.97 2.03 15.53
CA ILE A 56 -10.86 3.17 15.75
C ILE A 56 -10.62 3.80 17.12
N LYS A 57 -10.52 2.95 18.15
CA LYS A 57 -10.31 3.44 19.51
C LYS A 57 -8.99 4.20 19.64
N VAL A 58 -7.93 3.61 19.09
CA VAL A 58 -6.59 4.22 19.09
C VAL A 58 -6.57 5.55 18.33
N VAL A 59 -7.15 5.57 17.14
CA VAL A 59 -7.21 6.80 16.34
C VAL A 59 -8.00 7.92 17.05
N ASP A 60 -9.17 7.57 17.59
CA ASP A 60 -9.98 8.54 18.35
C ASP A 60 -9.16 9.13 19.50
N ALA A 61 -8.45 8.27 20.24
CA ALA A 61 -7.60 8.73 21.34
C ALA A 61 -6.49 9.67 20.88
N ALA A 62 -5.86 9.35 19.76
CA ALA A 62 -4.81 10.21 19.20
C ALA A 62 -5.35 11.57 18.76
N VAL A 63 -6.54 11.57 18.15
CA VAL A 63 -7.19 12.80 17.69
C VAL A 63 -7.59 13.67 18.89
N GLU A 64 -8.06 13.03 19.95
CA GLU A 64 -8.37 13.71 21.21
C GLU A 64 -7.12 14.35 21.84
N LYS A 65 -6.03 13.59 21.90
CA LYS A 65 -4.77 14.05 22.50
C LYS A 65 -4.21 15.27 21.76
N ALA A 66 -4.15 15.19 20.43
CA ALA A 66 -3.56 16.26 19.62
C ALA A 66 -4.38 17.55 19.57
N TYR A 67 -5.71 17.44 19.60
CA TYR A 67 -6.58 18.60 19.34
C TYR A 67 -7.56 18.95 20.45
N GLY A 68 -7.40 18.33 21.61
CA GLY A 68 -8.19 18.64 22.81
C GLY A 68 -9.70 18.66 22.66
N GLY A 69 -10.23 17.86 21.74
CA GLY A 69 -11.67 17.71 21.56
C GLY A 69 -12.29 18.54 20.45
N LYS A 70 -11.50 19.44 19.87
CA LYS A 70 -11.97 20.29 18.77
C LYS A 70 -12.23 19.51 17.48
N LYS A 71 -11.39 18.51 17.22
CA LYS A 71 -11.57 17.62 16.07
C LYS A 71 -12.05 16.25 16.50
N LYS A 72 -12.86 15.63 15.66
CA LYS A 72 -13.37 14.28 15.89
C LYS A 72 -13.73 13.63 14.55
N ILE A 73 -13.32 12.38 14.38
CA ILE A 73 -13.68 11.62 13.18
CA ILE A 73 -13.67 11.60 13.19
C ILE A 73 -15.06 11.00 13.33
N HIS A 74 -15.89 11.17 12.31
CA HIS A 74 -17.22 10.54 12.24
C HIS A 74 -17.13 9.32 11.34
N TRP A 75 -16.94 8.16 11.97
CA TRP A 75 -16.74 6.90 11.25
C TRP A 75 -18.04 6.42 10.62
N MET A 76 -17.95 5.98 9.37
CA MET A 76 -19.12 5.50 8.63
C MET A 76 -18.83 4.11 8.08
N GLU A 77 -19.50 3.09 8.61
CA GLU A 77 -19.26 1.73 8.13
C GLU A 77 -19.84 1.49 6.74
N ILE A 78 -19.00 0.95 5.87
CA ILE A 78 -19.43 0.47 4.54
C ILE A 78 -18.91 -0.96 4.38
N TYR A 79 -19.40 -1.69 3.38
CA TYR A 79 -19.26 -3.16 3.36
C TYR A 79 -18.56 -3.73 2.14
N ALA A 80 -17.68 -4.70 2.37
CA ALA A 80 -17.02 -5.47 1.32
C ALA A 80 -16.65 -6.86 1.84
N GLY A 81 -16.61 -7.85 0.96
CA GLY A 81 -16.24 -9.21 1.36
C GLY A 81 -17.39 -9.96 2.02
N GLU A 82 -17.06 -10.88 2.92
CA GLU A 82 -18.07 -11.74 3.54
C GLU A 82 -19.18 -10.94 4.22
N LYS A 83 -18.81 -9.91 4.97
CA LYS A 83 -19.80 -9.10 5.69
C LYS A 83 -20.76 -8.40 4.73
N ALA A 84 -20.28 -8.03 3.54
CA ALA A 84 -21.13 -7.46 2.49
C ALA A 84 -22.16 -8.48 1.99
N THR A 85 -21.77 -9.74 1.83
CA THR A 85 -22.71 -10.78 1.40
C THR A 85 -23.81 -11.00 2.45
N LYS A 86 -23.47 -10.83 3.72
CA LYS A 86 -24.42 -10.99 4.82
C LYS A 86 -25.41 -9.83 4.90
N VAL A 87 -24.95 -8.63 4.58
CA VAL A 87 -25.78 -7.43 4.66
C VAL A 87 -26.61 -7.23 3.39
N TYR A 88 -25.99 -7.46 2.23
CA TYR A 88 -26.63 -7.20 0.94
C TYR A 88 -27.25 -8.44 0.28
N GLY A 89 -26.69 -9.61 0.57
CA GLY A 89 -27.19 -10.86 -0.03
C GLY A 89 -26.10 -11.69 -0.68
N PRO A 90 -26.42 -12.96 -0.98
CA PRO A 90 -25.45 -13.93 -1.50
C PRO A 90 -24.65 -13.40 -2.69
N ASP A 91 -23.34 -13.62 -2.66
CA ASP A 91 -22.42 -13.24 -3.74
C ASP A 91 -22.34 -11.74 -4.09
N VAL A 92 -22.87 -10.88 -3.22
CA VAL A 92 -22.64 -9.44 -3.34
C VAL A 92 -21.40 -9.10 -2.51
N TRP A 93 -20.24 -9.36 -3.11
CA TRP A 93 -18.95 -9.23 -2.44
C TRP A 93 -18.45 -7.79 -2.46
N LEU A 94 -18.87 -7.05 -3.47
CA LEU A 94 -18.51 -5.64 -3.60
C LEU A 94 -19.73 -4.86 -4.08
N PRO A 95 -20.54 -4.38 -3.12
CA PRO A 95 -21.73 -3.59 -3.46
C PRO A 95 -21.38 -2.34 -4.28
N GLU A 96 -22.25 -2.01 -5.23
CA GLU A 96 -22.06 -0.83 -6.07
C GLU A 96 -21.95 0.44 -5.21
N GLU A 97 -22.77 0.53 -4.17
CA GLU A 97 -22.78 1.73 -3.33
C GLU A 97 -21.54 1.86 -2.46
N THR A 98 -20.88 0.75 -2.16
CA THR A 98 -19.56 0.79 -1.50
C THR A 98 -18.54 1.53 -2.37
N LEU A 99 -18.52 1.20 -3.66
CA LEU A 99 -17.64 1.86 -4.62
C LEU A 99 -17.96 3.34 -4.79
N GLN A 100 -19.25 3.67 -4.82
CA GLN A 100 -19.70 5.05 -4.95
C GLN A 100 -19.29 5.90 -3.75
N VAL A 101 -19.48 5.36 -2.55
CA VAL A 101 -19.15 6.07 -1.31
C VAL A 101 -17.64 6.26 -1.17
N LEU A 102 -16.86 5.26 -1.57
CA LEU A 102 -15.39 5.37 -1.50
C LEU A 102 -14.89 6.54 -2.33
N LYS A 103 -15.49 6.72 -3.51
CA LYS A 103 -15.16 7.83 -4.39
C LYS A 103 -15.66 9.16 -3.83
N GLU A 104 -16.93 9.18 -3.42
CA GLU A 104 -17.59 10.42 -3.00
C GLU A 104 -17.09 11.00 -1.68
N TYR A 105 -16.71 10.13 -0.75
CA TYR A 105 -16.23 10.56 0.56
C TYR A 105 -14.70 10.67 0.68
N VAL A 106 -14.03 10.33 -0.42
CA VAL A 106 -12.61 10.63 -0.69
C VAL A 106 -11.57 9.79 0.06
N VAL A 107 -11.61 9.84 1.40
CA VAL A 107 -10.59 9.19 2.24
C VAL A 107 -11.21 8.09 3.10
N SER A 108 -10.65 6.89 3.03
CA SER A 108 -11.21 5.73 3.71
CA SER A 108 -11.21 5.73 3.71
C SER A 108 -10.14 4.77 4.22
N ILE A 109 -10.56 3.82 5.05
CA ILE A 109 -9.64 2.80 5.59
C ILE A 109 -10.31 1.43 5.60
N LYS A 110 -9.55 0.39 5.27
CA LYS A 110 -10.09 -0.98 5.20
C LYS A 110 -9.22 -2.02 5.90
N GLY A 111 -9.87 -3.02 6.46
CA GLY A 111 -9.18 -4.21 6.95
C GLY A 111 -8.86 -5.16 5.81
N PRO A 112 -8.33 -6.35 6.13
CA PRO A 112 -7.95 -7.32 5.10
C PRO A 112 -9.18 -7.94 4.44
N LEU A 113 -9.06 -8.29 3.17
N LEU A 113 -9.07 -8.30 3.17
CA LEU A 113 -10.13 -8.98 2.44
CA LEU A 113 -10.16 -8.98 2.47
C LEU A 113 -9.63 -10.27 1.81
C LEU A 113 -9.66 -10.24 1.75
N THR A 114 -10.50 -11.27 1.75
CA THR A 114 -10.26 -12.51 1.00
C THR A 114 -11.17 -12.53 -0.22
N THR A 115 -11.24 -13.69 -0.89
CA THR A 115 -12.10 -13.90 -2.04
C THR A 115 -12.59 -15.36 -1.93
N PRO A 116 -13.82 -15.65 -2.37
CA PRO A 116 -14.26 -17.06 -2.44
C PRO A 116 -13.41 -17.87 -3.42
N VAL A 117 -13.40 -19.19 -3.25
CA VAL A 117 -12.66 -20.11 -4.10
C VAL A 117 -13.43 -20.38 -5.40
N ARG A 122 -11.86 -13.06 -8.86
CA ARG A 122 -10.57 -12.38 -8.74
C ARG A 122 -10.52 -11.48 -7.49
N SER A 123 -9.31 -11.26 -6.99
CA SER A 123 -9.04 -10.53 -5.74
C SER A 123 -9.92 -9.28 -5.55
N LEU A 124 -10.67 -9.26 -4.45
CA LEU A 124 -11.49 -8.10 -4.10
C LEU A 124 -10.62 -6.87 -3.85
N ASN A 125 -9.45 -7.11 -3.24
CA ASN A 125 -8.44 -6.08 -3.04
C ASN A 125 -7.99 -5.43 -4.34
N VAL A 126 -7.64 -6.26 -5.32
CA VAL A 126 -7.24 -5.78 -6.65
C VAL A 126 -8.42 -5.10 -7.35
N ALA A 127 -9.61 -5.69 -7.21
CA ALA A 127 -10.85 -5.13 -7.77
C ALA A 127 -11.10 -3.69 -7.30
N LEU A 128 -10.90 -3.44 -6.02
CA LEU A 128 -11.04 -2.09 -5.46
C LEU A 128 -10.05 -1.10 -6.09
N ARG A 129 -8.78 -1.51 -6.16
CA ARG A 129 -7.73 -0.66 -6.72
C ARG A 129 -7.99 -0.32 -8.19
N GLN A 130 -8.47 -1.31 -8.94
CA GLN A 130 -8.69 -1.14 -10.38
C GLN A 130 -9.97 -0.38 -10.71
N GLU A 131 -11.07 -0.73 -10.04
CA GLU A 131 -12.37 -0.06 -10.24
C GLU A 131 -12.29 1.43 -9.90
N LEU A 132 -11.57 1.76 -8.83
CA LEU A 132 -11.41 3.16 -8.41
C LEU A 132 -10.17 3.83 -9.01
N ASP A 133 -9.44 3.09 -9.85
CA ASP A 133 -8.24 3.60 -10.53
C ASP A 133 -7.21 4.18 -9.55
N LEU A 134 -7.02 3.48 -8.43
CA LEU A 134 -6.07 3.92 -7.41
C LEU A 134 -4.69 3.44 -7.81
N TYR A 135 -4.05 4.22 -8.67
CA TYR A 135 -2.89 3.74 -9.43
C TYR A 135 -1.57 3.70 -8.67
N VAL A 136 -1.54 4.33 -7.49
CA VAL A 136 -0.37 4.24 -6.61
C VAL A 136 -0.66 3.29 -5.45
N CYS A 137 0.19 2.27 -5.29
CA CYS A 137 0.23 1.51 -4.06
C CYS A 137 1.44 2.03 -3.28
N LEU A 138 1.16 2.65 -2.13
CA LEU A 138 2.19 3.33 -1.35
C LEU A 138 2.53 2.53 -0.11
N ARG A 139 3.79 2.11 -0.01
CA ARG A 139 4.25 1.27 1.09
CA ARG A 139 4.26 1.26 1.07
C ARG A 139 5.52 1.82 1.73
N PRO A 140 5.36 2.58 2.84
CA PRO A 140 6.53 3.03 3.62
C PRO A 140 7.19 1.88 4.37
N ILE A 141 8.53 1.86 4.35
CA ILE A 141 9.32 0.83 5.02
C ILE A 141 10.25 1.49 6.02
N GLN A 142 9.93 1.36 7.30
CA GLN A 142 10.73 1.96 8.36
C GLN A 142 11.00 0.93 9.43
N TYR A 143 12.09 1.12 10.16
CA TYR A 143 12.43 0.23 11.26
C TYR A 143 12.13 0.91 12.58
N PHE A 144 11.33 0.26 13.42
CA PHE A 144 11.06 0.75 14.78
C PHE A 144 12.10 0.16 15.73
N LYS A 145 12.82 1.02 16.47
CA LYS A 145 13.80 0.56 17.46
C LYS A 145 13.17 -0.47 18.41
N GLY A 146 13.87 -1.57 18.63
CA GLY A 146 13.38 -2.61 19.54
C GLY A 146 12.63 -3.76 18.91
N VAL A 147 12.30 -3.62 17.62
CA VAL A 147 11.62 -4.68 16.87
C VAL A 147 12.63 -5.78 16.48
N PRO A 148 12.33 -7.06 16.80
CA PRO A 148 13.23 -8.12 16.35
C PRO A 148 13.19 -8.33 14.84
N SER A 149 14.36 -8.28 14.23
CA SER A 149 14.53 -8.37 12.77
C SER A 149 15.41 -9.58 12.45
N PRO A 150 15.19 -10.21 11.28
CA PRO A 150 16.06 -11.33 10.82
C PRO A 150 17.44 -10.88 10.30
N VAL A 151 17.61 -9.57 10.09
CA VAL A 151 18.84 -9.03 9.52
C VAL A 151 19.70 -8.30 10.56
N ARG A 152 20.99 -8.16 10.25
CA ARG A 152 21.97 -7.59 11.19
C ARG A 152 21.81 -6.09 11.42
N GLU A 153 21.44 -5.35 10.37
CA GLU A 153 21.38 -3.89 10.45
C GLU A 153 20.07 -3.32 9.91
N PRO A 154 18.94 -3.66 10.58
CA PRO A 154 17.63 -3.22 10.07
C PRO A 154 17.46 -1.69 10.08
N GLU A 155 18.18 -1.00 10.95
CA GLU A 155 18.08 0.47 11.07
C GLU A 155 18.53 1.21 9.80
N LYS A 156 19.26 0.51 8.94
CA LYS A 156 19.76 1.10 7.68
C LYS A 156 18.70 1.11 6.58
N THR A 157 17.57 0.48 6.85
CA THR A 157 16.46 0.45 5.90
C THR A 157 15.44 1.54 6.21
N ASN A 158 15.36 2.54 5.34
CA ASN A 158 14.27 3.51 5.38
C ASN A 158 13.90 3.89 3.95
N MET A 159 12.80 3.31 3.50
CA MET A 159 12.40 3.41 2.09
C MET A 159 10.91 3.72 1.96
N VAL A 160 10.51 4.15 0.78
CA VAL A 160 9.11 4.37 0.46
C VAL A 160 8.87 3.78 -0.92
N ILE A 161 8.02 2.76 -1.00
CA ILE A 161 7.76 2.06 -2.26
C ILE A 161 6.54 2.65 -2.97
N PHE A 162 6.75 3.11 -4.20
CA PHE A 162 5.67 3.47 -5.11
C PHE A 162 5.49 2.33 -6.09
N ARG A 163 4.43 1.56 -5.87
CA ARG A 163 4.12 0.41 -6.71
C ARG A 163 2.97 0.74 -7.65
N GLU A 164 3.19 0.55 -8.95
CA GLU A 164 2.16 0.77 -9.97
C GLU A 164 1.01 -0.22 -9.74
N ASN A 165 -0.21 0.27 -9.76
CA ASN A 165 -1.36 -0.45 -9.24
C ASN A 165 -2.44 -0.76 -10.27
N SER A 166 -2.28 -0.31 -11.50
CA SER A 166 -3.38 -0.35 -12.49
C SER A 166 -3.13 -1.22 -13.72
N GLU A 167 -1.88 -1.67 -13.92
CA GLU A 167 -1.56 -2.54 -15.07
C GLU A 167 -0.62 -3.68 -14.70
N ASP A 168 0.30 -4.05 -15.60
CA ASP A 168 1.16 -5.22 -15.44
C ASP A 168 0.32 -6.51 -15.50
N ILE A 169 0.95 -7.65 -15.21
CA ILE A 169 0.27 -8.95 -15.21
C ILE A 169 -0.92 -9.04 -14.21
N TYR A 170 -1.04 -8.04 -13.33
CA TYR A 170 -2.20 -7.89 -12.42
C TYR A 170 -3.52 -7.50 -13.10
N ALA A 171 -3.47 -7.20 -14.39
CA ALA A 171 -4.68 -6.87 -15.14
C ALA A 171 -5.69 -8.02 -15.14
N GLY A 172 -5.20 -9.24 -14.90
CA GLY A 172 -6.03 -10.42 -14.83
C GLY A 172 -6.49 -10.92 -16.20
N ILE A 173 -5.60 -10.80 -17.18
CA ILE A 173 -5.88 -11.21 -18.56
C ILE A 173 -5.16 -12.53 -18.82
N GLU A 174 -5.92 -13.62 -18.80
CA GLU A 174 -5.34 -14.96 -18.87
C GLU A 174 -6.38 -16.03 -19.19
N TRP A 175 -5.93 -17.12 -19.80
CA TRP A 175 -6.79 -18.27 -20.11
C TRP A 175 -6.11 -19.60 -19.76
N ALA A 176 -6.93 -20.55 -19.32
CA ALA A 176 -6.49 -21.87 -18.86
C ALA A 176 -6.02 -22.77 -20.00
N ALA A 177 -5.03 -23.62 -19.71
CA ALA A 177 -4.50 -24.58 -20.68
C ALA A 177 -5.62 -25.41 -21.30
N GLU A 178 -5.51 -25.62 -22.61
CA GLU A 178 -6.43 -26.48 -23.38
C GLU A 178 -7.88 -25.99 -23.47
N SER A 179 -8.16 -24.80 -22.93
CA SER A 179 -9.46 -24.14 -23.11
C SER A 179 -9.58 -23.63 -24.54
N GLU A 180 -10.80 -23.50 -25.04
CA GLU A 180 -11.00 -23.00 -26.40
C GLU A 180 -10.43 -21.60 -26.58
N GLN A 181 -10.51 -20.78 -25.52
CA GLN A 181 -9.95 -19.44 -25.55
CA GLN A 181 -9.96 -19.43 -25.51
C GLN A 181 -8.43 -19.44 -25.62
N ALA A 182 -7.78 -20.30 -24.83
CA ALA A 182 -6.32 -20.42 -24.88
C ALA A 182 -5.86 -20.96 -26.23
N LYS A 183 -6.58 -21.94 -26.77
CA LYS A 183 -6.29 -22.50 -28.09
C LYS A 183 -6.34 -21.43 -29.17
N LYS A 184 -7.31 -20.53 -29.06
CA LYS A 184 -7.50 -19.44 -30.03
C LYS A 184 -6.37 -18.40 -29.99
N VAL A 185 -5.96 -18.00 -28.78
CA VAL A 185 -4.88 -17.03 -28.60
CA VAL A 185 -4.90 -17.01 -28.65
C VAL A 185 -3.55 -17.58 -29.13
N ILE A 186 -3.26 -18.83 -28.78
CA ILE A 186 -2.02 -19.48 -29.21
C ILE A 186 -1.99 -19.60 -30.75
N LYS A 187 -3.12 -19.98 -31.33
CA LYS A 187 -3.28 -20.02 -32.79
C LYS A 187 -3.00 -18.65 -33.41
N PHE A 188 -3.58 -17.59 -32.84
CA PHE A 188 -3.31 -16.22 -33.28
C PHE A 188 -1.83 -15.90 -33.20
N LEU A 189 -1.22 -16.18 -32.04
CA LEU A 189 0.20 -15.87 -31.84
C LEU A 189 1.10 -16.61 -32.82
N GLN A 190 0.83 -17.89 -33.03
CA GLN A 190 1.63 -18.72 -33.93
C GLN A 190 1.50 -18.31 -35.41
N GLU A 191 0.27 -18.11 -35.85
CA GLU A 191 -0.02 -17.93 -37.28
C GLU A 191 0.01 -16.48 -37.74
N GLU A 192 -0.51 -15.58 -36.91
CA GLU A 192 -0.61 -14.16 -37.27
C GLU A 192 0.61 -13.36 -36.85
N MET A 193 1.14 -13.65 -35.67
CA MET A 193 2.27 -12.91 -35.13
C MET A 193 3.60 -13.61 -35.38
N GLY A 194 3.53 -14.85 -35.86
CA GLY A 194 4.72 -15.63 -36.21
C GLY A 194 5.50 -16.12 -35.00
N VAL A 195 4.83 -16.22 -33.85
CA VAL A 195 5.49 -16.63 -32.61
C VAL A 195 5.90 -18.11 -32.68
N LYS A 196 7.19 -18.37 -32.45
CA LYS A 196 7.74 -19.73 -32.45
C LYS A 196 8.26 -20.14 -31.07
N LYS A 197 8.25 -19.20 -30.13
CA LYS A 197 8.91 -19.35 -28.82
C LYS A 197 8.09 -20.05 -27.73
N ILE A 198 6.86 -20.44 -28.03
CA ILE A 198 6.03 -21.19 -27.07
C ILE A 198 6.47 -22.65 -27.09
N ARG A 199 7.13 -23.07 -26.01
CA ARG A 199 7.79 -24.37 -25.96
C ARG A 199 6.80 -25.55 -26.02
N PHE A 200 5.68 -25.42 -25.32
CA PHE A 200 4.67 -26.48 -25.25
C PHE A 200 3.25 -25.94 -25.53
N PRO A 201 2.96 -25.62 -26.80
CA PRO A 201 1.69 -24.95 -27.14
C PRO A 201 0.45 -25.79 -26.85
N GLN A 202 0.61 -27.12 -26.83
CA GLN A 202 -0.53 -28.02 -26.58
C GLN A 202 -1.11 -27.94 -25.17
N THR A 203 -0.29 -27.58 -24.19
CA THR A 203 -0.71 -27.61 -22.79
C THR A 203 -0.43 -26.29 -22.05
N SER A 204 -0.27 -25.21 -22.80
CA SER A 204 0.07 -23.88 -22.25
C SER A 204 -1.14 -23.04 -21.84
N GLY A 205 -1.10 -22.56 -20.60
CA GLY A 205 -1.92 -21.43 -20.19
C GLY A 205 -1.24 -20.17 -20.68
N ILE A 206 -2.01 -19.12 -20.90
CA ILE A 206 -1.47 -17.87 -21.43
C ILE A 206 -1.91 -16.69 -20.58
N GLY A 207 -0.95 -15.87 -20.17
CA GLY A 207 -1.25 -14.60 -19.51
C GLY A 207 -0.72 -13.44 -20.33
N ILE A 208 -1.41 -12.30 -20.22
CA ILE A 208 -1.01 -11.07 -20.93
C ILE A 208 -0.47 -10.02 -19.96
N LYS A 209 0.67 -9.43 -20.32
CA LYS A 209 1.33 -8.41 -19.51
C LYS A 209 1.38 -7.06 -20.25
N PRO A 210 0.41 -6.16 -19.95
CA PRO A 210 0.43 -4.81 -20.50
C PRO A 210 1.15 -3.81 -19.59
N VAL A 211 2.08 -3.05 -20.16
CA VAL A 211 2.79 -1.98 -19.44
C VAL A 211 2.89 -0.77 -20.37
N SER A 212 2.37 0.38 -19.92
CA SER A 212 2.22 1.54 -20.79
C SER A 212 3.06 2.75 -20.41
N LYS A 213 3.30 3.63 -21.37
CA LYS A 213 3.97 4.90 -21.10
C LYS A 213 3.11 5.71 -20.14
N GLU A 214 1.81 5.75 -20.41
CA GLU A 214 0.86 6.50 -19.58
C GLU A 214 0.81 6.02 -18.14
N GLY A 215 0.76 4.70 -17.94
CA GLY A 215 0.72 4.12 -16.59
C GLY A 215 2.02 4.34 -15.84
N THR A 216 3.13 4.13 -16.53
CA THR A 216 4.45 4.41 -15.98
C THR A 216 4.57 5.87 -15.54
N GLU A 217 4.20 6.79 -16.43
CA GLU A 217 4.48 8.20 -16.20
C GLU A 217 3.77 8.74 -14.96
N ARG A 218 2.49 8.41 -14.81
CA ARG A 218 1.71 8.94 -13.67
C ARG A 218 2.21 8.39 -12.34
N LEU A 219 2.70 7.15 -12.36
CA LEU A 219 3.25 6.52 -11.16
C LEU A 219 4.60 7.14 -10.78
N VAL A 220 5.52 7.21 -11.74
CA VAL A 220 6.84 7.77 -11.53
C VAL A 220 6.79 9.25 -11.13
N ARG A 221 5.87 9.99 -11.75
CA ARG A 221 5.64 11.39 -11.37
C ARG A 221 5.35 11.52 -9.89
N LYS A 222 4.44 10.70 -9.40
CA LYS A 222 4.06 10.71 -7.98
C LYS A 222 5.27 10.38 -7.08
N ALA A 223 6.08 9.41 -7.51
CA ALA A 223 7.27 9.01 -6.74
C ALA A 223 8.29 10.14 -6.64
N ILE A 224 8.57 10.79 -7.77
CA ILE A 224 9.56 11.87 -7.80
C ILE A 224 9.05 13.08 -7.01
N GLN A 225 7.77 13.43 -7.18
CA GLN A 225 7.17 14.53 -6.43
C GLN A 225 7.19 14.26 -4.92
N TYR A 226 7.00 13.00 -4.54
CA TYR A 226 7.11 12.59 -3.14
C TYR A 226 8.52 12.81 -2.61
N ALA A 227 9.53 12.47 -3.41
CA ALA A 227 10.94 12.70 -3.05
C ALA A 227 11.21 14.18 -2.84
N ILE A 228 10.63 15.02 -3.68
CA ILE A 228 10.75 16.47 -3.53
C ILE A 228 10.06 16.97 -2.25
N ASP A 229 8.78 16.60 -2.09
CA ASP A 229 7.95 17.10 -0.99
C ASP A 229 8.45 16.67 0.39
N ASN A 230 9.11 15.51 0.45
CA ASN A 230 9.58 14.94 1.72
C ASN A 230 11.10 14.96 1.84
N ASP A 231 11.76 15.68 0.94
CA ASP A 231 13.22 15.87 0.96
C ASP A 231 13.98 14.54 1.03
N ARG A 232 13.61 13.62 0.12
CA ARG A 232 14.28 12.31 0.05
C ARG A 232 15.48 12.39 -0.88
N LYS A 233 16.36 11.39 -0.80
CA LYS A 233 17.67 11.44 -1.44
C LYS A 233 17.70 10.93 -2.89
N SER A 234 16.85 9.95 -3.19
CA SER A 234 16.89 9.30 -4.49
C SER A 234 15.60 8.59 -4.85
N VAL A 235 15.40 8.37 -6.15
CA VAL A 235 14.32 7.56 -6.67
C VAL A 235 14.94 6.46 -7.54
N THR A 236 14.69 5.20 -7.18
CA THR A 236 15.21 4.07 -7.93
C THR A 236 14.10 3.39 -8.73
N LEU A 237 14.26 3.36 -10.05
CA LEU A 237 13.36 2.63 -10.93
C LEU A 237 13.78 1.16 -10.94
N VAL A 238 12.89 0.28 -10.47
CA VAL A 238 13.21 -1.16 -10.38
C VAL A 238 12.42 -1.95 -11.41
N HIS A 239 13.15 -2.73 -12.22
CA HIS A 239 12.57 -3.36 -13.41
C HIS A 239 13.38 -4.59 -13.80
N LYS A 240 12.80 -5.46 -14.62
CA LYS A 240 13.53 -6.61 -15.18
C LYS A 240 13.60 -6.44 -16.71
N GLY A 241 14.12 -5.28 -17.10
CA GLY A 241 14.07 -4.82 -18.49
C GLY A 241 15.07 -5.45 -19.43
N ASN A 242 16.00 -6.25 -18.89
CA ASN A 242 16.95 -7.00 -19.71
C ASN A 242 16.38 -8.29 -20.30
N ILE A 243 15.26 -8.77 -19.73
CA ILE A 243 14.54 -9.92 -20.28
C ILE A 243 13.19 -9.50 -20.86
N MET A 244 12.54 -8.52 -20.22
CA MET A 244 11.26 -8.00 -20.68
C MET A 244 11.48 -6.57 -21.19
N LYS A 245 11.98 -6.48 -22.41
CA LYS A 245 12.48 -5.24 -22.98
C LYS A 245 11.39 -4.18 -23.21
N PHE A 246 10.21 -4.64 -23.62
CA PHE A 246 9.17 -3.74 -24.11
C PHE A 246 8.07 -3.46 -23.10
N THR A 247 8.21 -4.06 -21.91
CA THR A 247 7.29 -3.81 -20.82
C THR A 247 8.07 -3.23 -19.64
N GLU A 248 8.82 -4.09 -18.95
CA GLU A 248 9.63 -3.66 -17.81
C GLU A 248 10.68 -2.64 -18.24
N GLY A 249 11.35 -2.91 -19.38
CA GLY A 249 12.32 -1.99 -19.97
C GLY A 249 11.72 -0.64 -20.36
N ALA A 250 10.50 -0.68 -20.90
CA ALA A 250 9.74 0.52 -21.24
C ALA A 250 9.37 1.37 -20.02
N PHE A 251 9.09 0.70 -18.89
CA PHE A 251 8.87 1.38 -17.61
C PHE A 251 10.12 2.19 -17.26
N ARG A 252 11.28 1.54 -17.37
CA ARG A 252 12.56 2.19 -17.11
C ARG A 252 12.76 3.39 -18.04
N ASP A 253 12.57 3.17 -19.34
CA ASP A 253 12.80 4.20 -20.36
C ASP A 253 11.90 5.43 -20.15
N ALA A 254 10.61 5.20 -19.95
CA ALA A 254 9.65 6.29 -19.75
C ALA A 254 9.84 7.03 -18.43
N GLY A 255 10.25 6.29 -17.40
CA GLY A 255 10.55 6.89 -16.09
C GLY A 255 11.69 7.87 -16.16
N TYR A 256 12.79 7.47 -16.81
CA TYR A 256 13.93 8.34 -17.01
C TYR A 256 13.58 9.55 -17.89
N ALA A 257 12.81 9.32 -18.95
CA ALA A 257 12.39 10.39 -19.86
C ALA A 257 11.57 11.46 -19.13
N LEU A 258 10.67 11.04 -18.25
CA LEU A 258 9.85 11.94 -17.46
C LEU A 258 10.69 12.75 -16.46
N ALA A 259 11.69 12.11 -15.86
CA ALA A 259 12.62 12.77 -14.94
C ALA A 259 13.33 13.93 -15.65
N GLN A 260 13.77 13.66 -16.88
CA GLN A 260 14.45 14.64 -17.71
C GLN A 260 13.53 15.80 -18.08
N LYS A 261 12.33 15.46 -18.56
CA LYS A 261 11.38 16.45 -19.09
C LYS A 261 10.74 17.33 -18.02
N GLU A 262 10.18 16.70 -16.98
CA GLU A 262 9.36 17.39 -16.00
C GLU A 262 10.13 17.95 -14.82
N PHE A 263 11.30 17.36 -14.54
CA PHE A 263 12.08 17.71 -13.36
C PHE A 263 13.49 18.23 -13.68
N GLY A 264 13.83 18.28 -14.97
CA GLY A 264 15.09 18.83 -15.44
C GLY A 264 16.32 18.04 -15.03
N ALA A 265 16.15 16.72 -14.86
CA ALA A 265 17.24 15.83 -14.51
C ALA A 265 18.28 15.74 -15.62
N GLU A 266 19.55 15.68 -15.24
CA GLU A 266 20.63 15.49 -16.21
C GLU A 266 21.50 14.28 -15.87
N LEU A 267 22.04 13.67 -16.93
CA LEU A 267 22.79 12.42 -16.82
C LEU A 267 24.02 12.51 -15.93
N ILE A 268 24.28 11.44 -15.20
CA ILE A 268 25.51 11.30 -14.42
C ILE A 268 26.48 10.43 -15.22
N ASP A 269 27.62 11.04 -15.60
CA ASP A 269 28.68 10.37 -16.36
C ASP A 269 28.19 9.67 -17.63
N GLY A 270 27.32 10.36 -18.38
CA GLY A 270 26.78 9.82 -19.63
C GLY A 270 25.69 8.78 -19.45
N GLY A 271 25.19 8.64 -18.22
CA GLY A 271 24.05 7.77 -17.93
C GLY A 271 24.41 6.37 -17.45
N PRO A 272 23.37 5.55 -17.15
CA PRO A 272 21.97 5.89 -17.36
C PRO A 272 21.34 6.72 -16.23
N TRP A 273 22.02 6.81 -15.09
CA TRP A 273 21.50 7.54 -13.92
C TRP A 273 21.43 9.04 -14.18
N MET A 274 20.65 9.73 -13.36
CA MET A 274 20.44 11.17 -13.50
C MET A 274 20.39 11.85 -12.14
N LYS A 275 20.46 13.18 -12.15
CA LYS A 275 20.30 13.97 -10.94
C LYS A 275 19.65 15.33 -11.20
N PHE A 276 18.93 15.83 -10.21
CA PHE A 276 18.36 17.18 -10.24
C PHE A 276 18.29 17.78 -8.84
N LYS A 277 18.17 19.11 -8.78
CA LYS A 277 18.06 19.84 -7.51
C LYS A 277 16.61 19.92 -7.05
N ASN A 278 16.37 19.51 -5.81
CA ASN A 278 15.09 19.69 -5.14
C ASN A 278 14.73 21.18 -5.13
N PRO A 279 13.63 21.57 -5.80
CA PRO A 279 13.27 22.98 -5.89
C PRO A 279 12.78 23.59 -4.57
N LYS A 280 12.49 22.74 -3.58
CA LYS A 280 11.95 23.17 -2.29
C LYS A 280 12.99 23.25 -1.17
N THR A 281 14.03 22.43 -1.27
CA THR A 281 15.06 22.36 -0.22
C THR A 281 16.47 22.65 -0.74
N GLY A 282 16.69 22.46 -2.04
CA GLY A 282 17.99 22.70 -2.66
C GLY A 282 18.87 21.46 -2.78
N ASN A 283 18.48 20.37 -2.12
CA ASN A 283 19.24 19.12 -2.12
C ASN A 283 19.20 18.38 -3.46
N GLU A 284 20.26 17.62 -3.74
CA GLU A 284 20.36 16.80 -4.93
C GLU A 284 19.50 15.54 -4.78
N ILE A 285 18.75 15.22 -5.84
CA ILE A 285 17.99 13.97 -5.90
C ILE A 285 18.47 13.15 -7.09
N VAL A 286 18.98 11.95 -6.82
CA VAL A 286 19.45 11.03 -7.86
C VAL A 286 18.27 10.20 -8.34
N VAL A 287 18.11 10.13 -9.66
CA VAL A 287 17.17 9.18 -10.25
C VAL A 287 17.98 8.07 -10.92
N LYS A 288 17.87 6.87 -10.39
CA LYS A 288 18.66 5.73 -10.86
C LYS A 288 17.77 4.52 -11.14
N ASP A 289 18.38 3.41 -11.54
CA ASP A 289 17.64 2.16 -11.80
C ASP A 289 18.40 0.92 -11.34
N SER A 290 17.64 -0.11 -10.96
CA SER A 290 18.17 -1.41 -10.59
C SER A 290 17.37 -2.53 -11.26
N ILE A 291 18.07 -3.55 -11.76
CA ILE A 291 17.41 -4.74 -12.26
C ILE A 291 16.81 -5.46 -11.04
N ALA A 292 15.59 -5.96 -11.18
CA ALA A 292 14.81 -6.43 -10.02
C ALA A 292 15.48 -7.55 -9.22
N ASP A 293 16.14 -8.48 -9.89
CA ASP A 293 16.80 -9.58 -9.17
C ASP A 293 17.99 -9.06 -8.36
N ALA A 294 18.82 -8.21 -8.98
CA ALA A 294 19.92 -7.54 -8.28
C ALA A 294 19.40 -6.69 -7.12
N PHE A 295 18.27 -6.02 -7.31
CA PHE A 295 17.71 -5.15 -6.28
C PHE A 295 17.38 -5.91 -5.00
N LEU A 296 16.90 -7.15 -5.15
CA LEU A 296 16.58 -7.99 -3.99
C LEU A 296 17.83 -8.37 -3.23
N GLN A 297 18.97 -8.38 -3.92
CA GLN A 297 20.26 -8.57 -3.26
C GLN A 297 20.71 -7.28 -2.57
N GLN A 298 20.66 -6.16 -3.29
CA GLN A 298 21.17 -4.90 -2.78
C GLN A 298 20.39 -4.31 -1.60
N ILE A 299 19.09 -4.58 -1.51
CA ILE A 299 18.31 -4.14 -0.33
C ILE A 299 18.80 -4.79 0.97
N LEU A 300 19.37 -6.00 0.84
CA LEU A 300 19.97 -6.69 1.99
C LEU A 300 21.38 -6.20 2.25
N LEU A 301 22.19 -6.12 1.19
CA LEU A 301 23.62 -5.88 1.31
C LEU A 301 23.98 -4.40 1.48
N ARG A 302 23.23 -3.51 0.81
CA ARG A 302 23.51 -2.08 0.89
C ARG A 302 22.22 -1.25 1.03
N PRO A 303 21.42 -1.51 2.10
CA PRO A 303 20.10 -0.89 2.26
C PRO A 303 20.14 0.65 2.36
N ALA A 304 21.24 1.21 2.86
CA ALA A 304 21.34 2.66 3.02
C ALA A 304 21.41 3.43 1.69
N GLU A 305 21.68 2.71 0.60
CA GLU A 305 21.81 3.33 -0.73
C GLU A 305 20.48 3.58 -1.44
N TYR A 306 19.38 3.11 -0.84
CA TYR A 306 18.05 3.21 -1.46
C TYR A 306 17.06 3.97 -0.61
N ASP A 307 16.13 4.66 -1.27
CA ASP A 307 15.22 5.57 -0.59
C ASP A 307 13.80 5.43 -1.16
N VAL A 308 13.44 6.28 -2.10
CA VAL A 308 12.15 6.14 -2.78
C VAL A 308 12.33 5.12 -3.92
N ILE A 309 11.39 4.19 -4.03
CA ILE A 309 11.41 3.17 -5.07
C ILE A 309 10.20 3.37 -5.96
N ALA A 310 10.40 3.34 -7.29
CA ALA A 310 9.30 3.36 -8.24
C ALA A 310 9.37 2.07 -9.05
N THR A 311 8.30 1.29 -9.04
CA THR A 311 8.33 0.00 -9.71
C THR A 311 6.97 -0.44 -10.21
N LEU A 312 6.96 -1.55 -10.94
CA LEU A 312 5.75 -2.10 -11.51
C LEU A 312 4.94 -2.88 -10.46
N ASN A 313 3.76 -3.32 -10.86
CA ASN A 313 2.81 -3.98 -9.97
C ASN A 313 3.38 -5.25 -9.34
N LEU A 314 3.82 -6.20 -10.18
CA LEU A 314 4.33 -7.46 -9.64
C LEU A 314 5.62 -7.29 -8.83
N ASN A 315 6.60 -6.59 -9.39
CA ASN A 315 7.85 -6.32 -8.68
C ASN A 315 7.59 -5.66 -7.33
N GLY A 316 6.68 -4.68 -7.32
CA GLY A 316 6.33 -3.94 -6.11
C GLY A 316 5.77 -4.84 -5.04
N ASP A 317 4.94 -5.80 -5.44
CA ASP A 317 4.39 -6.78 -4.52
C ASP A 317 5.51 -7.54 -3.80
N TYR A 318 6.42 -8.11 -4.58
CA TYR A 318 7.53 -8.89 -4.05
C TYR A 318 8.45 -8.05 -3.15
N ILE A 319 8.79 -6.86 -3.63
CA ILE A 319 9.72 -5.96 -2.95
C ILE A 319 9.15 -5.48 -1.61
N SER A 320 7.88 -5.07 -1.62
CA SER A 320 7.20 -4.57 -0.42
C SER A 320 7.20 -5.62 0.68
N ASP A 321 6.92 -6.87 0.31
CA ASP A 321 6.87 -7.97 1.27
C ASP A 321 8.26 -8.32 1.80
N ALA A 322 9.24 -8.41 0.89
CA ALA A 322 10.62 -8.69 1.28
C ALA A 322 11.12 -7.64 2.28
N LEU A 323 10.86 -6.37 1.98
CA LEU A 323 11.33 -5.28 2.83
C LEU A 323 10.63 -5.26 4.20
N ALA A 324 9.32 -5.49 4.22
CA ALA A 324 8.59 -5.56 5.50
C ALA A 324 9.18 -6.66 6.38
N ALA A 325 9.50 -7.80 5.77
CA ALA A 325 10.12 -8.91 6.50
C ALA A 325 11.47 -8.50 7.09
N GLN A 326 12.27 -7.82 6.27
CA GLN A 326 13.63 -7.39 6.60
CA GLN A 326 13.63 -7.45 6.65
C GLN A 326 13.70 -6.55 7.88
N VAL A 327 12.74 -5.62 8.01
CA VAL A 327 12.69 -4.74 9.18
C VAL A 327 11.91 -5.32 10.37
N GLY A 328 11.55 -6.60 10.29
CA GLY A 328 10.75 -7.25 11.32
C GLY A 328 9.32 -6.73 11.40
N GLY A 329 8.84 -6.14 10.31
CA GLY A 329 7.54 -5.45 10.29
C GLY A 329 6.43 -6.09 9.50
N ILE A 330 6.51 -7.42 9.32
CA ILE A 330 5.50 -8.18 8.58
CA ILE A 330 5.49 -8.17 8.57
C ILE A 330 4.07 -7.90 9.06
N GLY A 331 3.93 -7.69 10.37
CA GLY A 331 2.62 -7.50 11.00
C GLY A 331 2.20 -6.06 11.29
N ILE A 332 3.09 -5.11 10.98
CA ILE A 332 2.81 -3.69 11.21
C ILE A 332 3.09 -2.79 10.02
N ALA A 333 3.21 -3.37 8.82
CA ALA A 333 3.46 -2.63 7.59
C ALA A 333 2.23 -1.87 7.13
N PRO A 334 2.29 -0.52 7.06
CA PRO A 334 1.13 0.24 6.62
C PRO A 334 1.09 0.36 5.09
N GLY A 335 -0.06 0.78 4.54
CA GLY A 335 -0.18 0.91 3.10
C GLY A 335 -1.35 1.79 2.72
N ALA A 336 -1.26 2.40 1.53
CA ALA A 336 -2.31 3.22 0.96
C ALA A 336 -2.45 2.89 -0.52
N ASN A 337 -3.67 3.03 -1.03
CA ASN A 337 -3.93 2.99 -2.47
C ASN A 337 -4.48 4.35 -2.87
N LEU A 338 -3.77 5.04 -3.75
CA LEU A 338 -4.10 6.43 -4.08
C LEU A 338 -4.32 6.69 -5.57
N SER A 339 -5.33 7.49 -5.88
CA SER A 339 -5.43 8.19 -7.16
C SER A 339 -5.20 9.67 -6.88
N ASP A 340 -5.39 10.53 -7.88
CA ASP A 340 -5.26 11.96 -7.63
C ASP A 340 -6.33 12.49 -6.67
N SER A 341 -7.47 11.78 -6.60
CA SER A 341 -8.67 12.28 -5.91
C SER A 341 -9.37 11.31 -4.95
N VAL A 342 -8.77 10.13 -4.75
CA VAL A 342 -9.31 9.11 -3.84
C VAL A 342 -8.13 8.46 -3.11
N ALA A 343 -8.28 8.26 -1.81
CA ALA A 343 -7.25 7.63 -0.98
C ALA A 343 -7.84 6.57 -0.05
N MET A 344 -7.42 5.32 -0.24
CA MET A 344 -7.88 4.19 0.57
C MET A 344 -6.72 3.53 1.30
N PHE A 345 -6.72 3.68 2.62
CA PHE A 345 -5.65 3.16 3.47
C PHE A 345 -6.01 1.77 3.93
N GLU A 346 -5.02 0.87 4.07
CA GLU A 346 -5.36 -0.53 4.30
C GLU A 346 -4.39 -1.31 5.17
N ALA A 347 -4.92 -2.26 5.94
CA ALA A 347 -4.11 -3.30 6.57
C ALA A 347 -3.49 -4.12 5.43
N THR A 348 -2.23 -4.49 5.58
CA THR A 348 -1.47 -5.09 4.46
C THR A 348 -1.29 -6.60 4.55
N HIS A 349 -1.77 -7.17 5.65
CA HIS A 349 -1.69 -8.61 5.90
C HIS A 349 -2.95 -9.33 5.44
N GLY A 350 -2.93 -10.66 5.50
CA GLY A 350 -4.09 -11.48 5.17
C GLY A 350 -5.15 -11.50 6.26
N THR A 351 -6.19 -12.28 6.05
CA THR A 351 -7.32 -12.32 6.98
C THR A 351 -7.13 -13.30 8.14
N ALA A 352 -6.12 -14.16 8.03
CA ALA A 352 -5.74 -15.12 9.08
C ALA A 352 -6.96 -15.75 9.78
N PRO A 353 -7.75 -16.57 9.04
CA PRO A 353 -9.04 -17.06 9.54
C PRO A 353 -8.99 -17.87 10.84
N LYS A 354 -7.89 -18.59 11.06
CA LYS A 354 -7.77 -19.41 12.28
C LYS A 354 -7.52 -18.55 13.53
N TYR A 355 -7.27 -17.26 13.33
CA TYR A 355 -7.10 -16.33 14.45
C TYR A 355 -8.28 -15.37 14.64
N ALA A 356 -9.23 -15.41 13.69
CA ALA A 356 -10.38 -14.52 13.68
C ALA A 356 -11.28 -14.69 14.90
N GLY A 357 -11.57 -13.57 15.55
CA GLY A 357 -12.43 -13.55 16.74
C GLY A 357 -11.70 -13.83 18.04
N LYS A 358 -10.41 -14.12 17.94
CA LYS A 358 -9.63 -14.53 19.12
C LYS A 358 -8.81 -13.39 19.73
N ASP A 359 -8.99 -12.18 19.23
CA ASP A 359 -8.39 -10.97 19.83
C ASP A 359 -6.88 -11.13 20.06
N TYR A 360 -6.19 -11.61 19.02
CA TYR A 360 -4.82 -12.14 19.17
C TYR A 360 -3.78 -11.49 18.26
N VAL A 361 -4.19 -11.16 17.04
CA VAL A 361 -3.24 -10.66 16.04
C VAL A 361 -2.84 -9.21 16.30
N ASN A 362 -1.80 -8.77 15.61
CA ASN A 362 -1.28 -7.41 15.75
C ASN A 362 -2.19 -6.43 15.00
N PRO A 363 -2.73 -5.42 15.70
CA PRO A 363 -3.53 -4.41 15.02
C PRO A 363 -2.65 -3.29 14.45
N GLY A 364 -1.33 -3.46 14.59
CA GLY A 364 -0.37 -2.41 14.22
C GLY A 364 -0.42 -1.98 12.77
N SER A 365 -0.67 -2.93 11.86
CA SER A 365 -0.72 -2.58 10.44
C SER A 365 -1.85 -1.60 10.12
N GLU A 366 -3.07 -1.90 10.55
CA GLU A 366 -4.17 -0.97 10.28
C GLU A 366 -3.99 0.34 11.05
N ILE A 367 -3.40 0.25 12.24
CA ILE A 367 -3.15 1.45 13.05
C ILE A 367 -2.17 2.38 12.34
N LEU A 368 -1.09 1.82 11.77
CA LEU A 368 -0.10 2.65 11.07
C LEU A 368 -0.61 3.10 9.71
N SER A 369 -1.51 2.34 9.10
CA SER A 369 -2.19 2.82 7.90
C SER A 369 -3.11 4.02 8.22
N ALA A 370 -3.70 3.97 9.42
CA ALA A 370 -4.52 5.09 9.91
C ALA A 370 -3.64 6.31 10.18
N GLU A 371 -2.42 6.05 10.66
CA GLU A 371 -1.42 7.10 10.84
C GLU A 371 -1.15 7.80 9.49
N MET A 372 -0.98 7.01 8.43
CA MET A 372 -0.84 7.57 7.08
C MET A 372 -2.08 8.38 6.69
N MET A 373 -3.26 7.85 7.01
CA MET A 373 -4.52 8.53 6.71
C MET A 373 -4.59 9.90 7.38
N LEU A 374 -4.22 9.96 8.65
CA LEU A 374 -4.25 11.22 9.38
C LEU A 374 -3.32 12.26 8.75
N ARG A 375 -2.14 11.81 8.35
N ARG A 375 -2.12 11.84 8.38
CA ARG A 375 -1.16 12.68 7.70
CA ARG A 375 -1.19 12.74 7.69
C ARG A 375 -1.67 13.18 6.34
C ARG A 375 -1.81 13.25 6.40
N HIS A 376 -2.44 12.33 5.64
CA HIS A 376 -3.09 12.69 4.37
C HIS A 376 -4.18 13.74 4.55
N LEU A 377 -4.84 13.73 5.71
CA LEU A 377 -5.89 14.69 6.06
C LEU A 377 -5.32 16.06 6.47
N GLY A 378 -4.00 16.09 6.69
CA GLY A 378 -3.32 17.27 7.21
C GLY A 378 -3.25 17.29 8.73
N TRP A 379 -3.70 16.19 9.35
CA TRP A 379 -3.72 16.07 10.81
C TRP A 379 -2.41 15.45 11.31
N THR A 380 -1.29 16.11 11.01
CA THR A 380 0.04 15.56 11.29
C THR A 380 0.31 15.42 12.79
N GLU A 381 -0.27 16.32 13.59
CA GLU A 381 -0.12 16.27 15.05
C GLU A 381 -0.68 14.96 15.61
N ALA A 382 -1.87 14.56 15.15
CA ALA A 382 -2.48 13.30 15.58
C ALA A 382 -1.69 12.08 15.10
N ALA A 383 -1.23 12.13 13.85
CA ALA A 383 -0.36 11.07 13.32
C ALA A 383 0.90 10.91 14.17
N ASP A 384 1.50 12.03 14.57
CA ASP A 384 2.72 11.99 15.40
C ASP A 384 2.46 11.34 16.75
N VAL A 385 1.27 11.57 17.31
CA VAL A 385 0.86 10.93 18.56
C VAL A 385 0.87 9.40 18.41
N ILE A 386 0.35 8.90 17.29
CA ILE A 386 0.34 7.45 17.03
C ILE A 386 1.75 6.88 16.94
N ILE A 387 2.62 7.56 16.20
CA ILE A 387 4.02 7.13 16.08
C ILE A 387 4.68 7.08 17.45
N SER A 388 4.49 8.14 18.24
CA SER A 388 5.06 8.20 19.58
C SER A 388 4.62 7.01 20.42
N ALA A 389 3.30 6.77 20.46
CA ALA A 389 2.71 5.66 21.21
C ALA A 389 3.30 4.31 20.77
N MET A 390 3.39 4.11 19.45
CA MET A 390 3.95 2.88 18.89
C MET A 390 5.42 2.67 19.29
N GLU A 391 6.22 3.73 19.16
CA GLU A 391 7.64 3.68 19.54
C GLU A 391 7.80 3.28 21.00
N LYS A 392 7.04 3.92 21.87
CA LYS A 392 7.08 3.67 23.31
C LYS A 392 6.63 2.26 23.68
N SER A 393 5.53 1.81 23.06
CA SER A 393 4.95 0.50 23.36
C SER A 393 5.91 -0.63 23.00
N ILE A 394 6.56 -0.49 21.84
CA ILE A 394 7.55 -1.46 21.38
C ILE A 394 8.74 -1.52 22.34
N LYS A 395 9.25 -0.35 22.74
CA LYS A 395 10.39 -0.28 23.67
C LYS A 395 10.05 -0.84 25.06
N GLN A 396 8.79 -0.70 25.48
CA GLN A 396 8.33 -1.28 26.74
C GLN A 396 8.14 -2.79 26.65
N LYS A 397 8.13 -3.32 25.42
CA LYS A 397 7.93 -4.76 25.15
C LYS A 397 6.56 -5.25 25.61
N ARG A 398 5.58 -4.35 25.59
CA ARG A 398 4.19 -4.71 25.86
C ARG A 398 3.51 -4.83 24.51
N VAL A 399 3.51 -6.04 23.98
CA VAL A 399 3.25 -6.27 22.56
C VAL A 399 2.46 -7.56 22.33
N THR A 400 1.82 -7.65 21.16
CA THR A 400 1.10 -8.86 20.75
C THR A 400 2.06 -10.04 20.52
N TYR A 401 1.52 -11.25 20.52
CA TYR A 401 2.31 -12.48 20.47
C TYR A 401 3.35 -12.54 19.35
N ASP A 402 2.98 -12.05 18.17
CA ASP A 402 3.87 -12.04 17.01
C ASP A 402 5.21 -11.32 17.25
N PHE A 403 5.20 -10.28 18.09
CA PHE A 403 6.44 -9.61 18.52
C PHE A 403 7.00 -10.31 19.77
N ALA A 404 6.12 -10.53 20.75
CA ALA A 404 6.51 -11.05 22.07
C ALA A 404 7.36 -12.31 21.99
N ARG A 405 7.00 -13.22 21.07
CA ARG A 405 7.68 -14.51 20.91
CA ARG A 405 7.70 -14.50 20.96
C ARG A 405 9.14 -14.37 20.47
N LEU A 406 9.47 -13.25 19.83
CA LEU A 406 10.81 -13.01 19.29
C LEU A 406 11.64 -12.09 20.18
N MET A 407 11.00 -11.58 21.23
CA MET A 407 11.67 -10.71 22.20
C MET A 407 12.06 -11.51 23.43
N GLU A 408 12.95 -10.92 24.23
CA GLU A 408 13.29 -11.43 25.55
C GLU A 408 12.68 -10.52 26.60
N GLY A 409 12.00 -11.11 27.57
CA GLY A 409 11.41 -10.36 28.69
C GLY A 409 10.19 -9.55 28.33
N ALA A 410 9.49 -9.94 27.26
CA ALA A 410 8.31 -9.21 26.81
C ALA A 410 7.05 -9.59 27.60
N THR A 411 6.12 -8.63 27.66
CA THR A 411 4.80 -8.88 28.21
C THR A 411 3.82 -9.02 27.04
N GLN A 412 3.34 -10.25 26.84
CA GLN A 412 2.41 -10.55 25.74
C GLN A 412 1.00 -10.07 26.06
N VAL A 413 0.48 -9.21 25.18
CA VAL A 413 -0.87 -8.67 25.33
C VAL A 413 -1.77 -9.10 24.17
N SER A 414 -3.08 -9.02 24.41
CA SER A 414 -4.08 -9.29 23.38
C SER A 414 -4.10 -8.17 22.34
N CYS A 415 -4.86 -8.38 21.26
CA CYS A 415 -5.03 -7.35 20.23
C CYS A 415 -5.58 -6.06 20.86
N SER A 416 -6.74 -6.18 21.51
CA SER A 416 -7.35 -5.04 22.20
C SER A 416 -6.47 -4.52 23.34
N GLY A 417 -5.76 -5.42 24.02
CA GLY A 417 -4.78 -5.06 25.04
C GLY A 417 -3.68 -4.16 24.51
N PHE A 418 -3.21 -4.42 23.29
CA PHE A 418 -2.18 -3.57 22.66
C PHE A 418 -2.72 -2.18 22.37
N GLY A 419 -3.99 -2.12 21.96
CA GLY A 419 -4.70 -0.85 21.83
C GLY A 419 -4.63 -0.04 23.10
N GLN A 420 -4.88 -0.69 24.23
CA GLN A 420 -4.83 -0.02 25.54
C GLN A 420 -3.42 0.47 25.91
N VAL A 421 -2.42 -0.36 25.62
CA VAL A 421 -1.02 -0.01 25.83
C VAL A 421 -0.66 1.25 25.01
N LEU A 422 -1.07 1.27 23.75
CA LEU A 422 -0.84 2.43 22.88
C LEU A 422 -1.47 3.72 23.42
N ILE A 423 -2.74 3.63 23.82
CA ILE A 423 -3.48 4.77 24.37
C ILE A 423 -2.82 5.29 25.65
N GLU A 424 -2.39 4.38 26.53
CA GLU A 424 -1.62 4.74 27.73
C GLU A 424 -0.38 5.55 27.36
N ASN A 425 0.31 5.11 26.30
CA ASN A 425 1.56 5.73 25.86
C ASN A 425 1.39 6.99 25.01
N MET A 426 0.16 7.52 24.99
CA MET A 426 -0.12 8.82 24.39
C MET A 426 0.03 9.93 25.44
N GLU A 427 0.13 9.54 26.70
CA GLU A 427 0.35 10.50 27.78
C GLU A 427 1.79 11.02 27.75
#